data_7MMG
#
_entry.id   7MMG
#
_cell.length_a   39.854
_cell.length_b   50.987
_cell.length_c   77.068
_cell.angle_alpha   90.000
_cell.angle_beta   92.836
_cell.angle_gamma   90.000
#
_symmetry.space_group_name_H-M   'P 1 21 1'
#
loop_
_entity.id
_entity.type
_entity.pdbx_description
1 polymer 'NS3/4A protease'
2 non-polymer ARGININE
3 non-polymer '1-(trifluoromethyl)cyclobutyl {(2R,4S,6S,12Z,13aS,14aR,16aS)-2-[(7-methoxy-3-methylquinoxalin-2-yl)oxy]-14a-[(1-methylcyclopropane-1-sulfonyl)carbamoyl]-5,16-dioxo-1,2,3,5,6,7,8,9,10,11,13a,14,14a,15,16,16a-hexadecahydrocyclopropa[e]pyrrolo[1,2-a][1,4]diazacyclopentadecin-6-yl}carbamate'
4 non-polymer 'ZINC ION'
5 water water
#
_entity_poly.entity_id   1
_entity_poly.type   'polypeptide(L)'
_entity_poly.pdbx_seq_one_letter_code
;HMASMKKKGSVVIVGRINLSGDTAYAQQTRGEEGCQETSQTGRDKNQVEGEVQIVSTATQTFLATSINGVLWTVYHGAGT
RTIASPKGPVTQMYTNVDKDLVGWQAPQGSRSLTPCTCGSSDLYLVTRHADVIPVRRRGDSRGSLLSPRPISYLKGSSGG
PLLCPAGHAVGIFRAAVSTRGVAKAVAFIPVESLETTMRS
;
_entity_poly.pdbx_strand_id   A,B
#
# COMPACT_ATOMS: atom_id res chain seq x y z
N GLY A 9 8.72 30.00 16.26
CA GLY A 9 8.86 29.74 14.84
C GLY A 9 7.53 29.36 14.18
N SER A 10 7.50 29.30 12.85
CA SER A 10 6.26 29.04 12.14
C SER A 10 6.24 27.57 11.71
N VAL A 11 5.02 27.01 11.60
CA VAL A 11 4.75 25.80 10.83
C VAL A 11 5.11 26.01 9.36
N VAL A 12 5.69 24.99 8.72
CA VAL A 12 6.09 25.14 7.32
C VAL A 12 5.52 23.99 6.51
N ILE A 13 4.91 24.31 5.37
CA ILE A 13 4.59 23.29 4.37
C ILE A 13 5.89 22.75 3.76
N VAL A 14 6.12 21.46 3.89
CA VAL A 14 7.32 20.84 3.33
C VAL A 14 6.99 19.86 2.22
N GLY A 15 5.72 19.63 1.96
CA GLY A 15 5.30 18.69 0.94
C GLY A 15 3.79 18.67 0.94
N ARG A 16 3.23 17.72 0.21
CA ARG A 16 1.78 17.65 0.08
C ARG A 16 1.37 16.27 -0.37
N ILE A 17 0.05 16.04 -0.30
CA ILE A 17 -0.59 14.82 -0.77
C ILE A 17 -1.77 15.24 -1.62
N ASN A 18 -1.82 14.73 -2.86
CA ASN A 18 -2.85 15.04 -3.83
C ASN A 18 -3.76 13.81 -3.97
N LEU A 19 -5.06 14.04 -4.03
CA LEU A 19 -6.00 12.96 -4.28
C LEU A 19 -6.38 12.97 -5.75
N SER A 20 -6.05 11.90 -6.46
CA SER A 20 -6.39 11.73 -7.87
C SER A 20 -7.42 10.62 -7.98
N GLY A 21 -8.62 10.96 -8.44
CA GLY A 21 -9.72 10.02 -8.43
C GLY A 21 -9.72 9.20 -7.17
N ASP A 22 -9.47 7.89 -7.30
CA ASP A 22 -9.45 6.94 -6.19
C ASP A 22 -8.06 6.71 -5.63
N THR A 23 -7.12 7.62 -5.89
CA THR A 23 -5.74 7.43 -5.46
C THR A 23 -5.21 8.69 -4.79
N ALA A 24 -4.16 8.52 -3.99
CA ALA A 24 -3.47 9.62 -3.35
C ALA A 24 -1.98 9.49 -3.68
N TYR A 25 -1.31 10.62 -3.89
CA TYR A 25 0.11 10.59 -4.13
C TYR A 25 0.74 11.82 -3.47
N ALA A 26 1.98 11.64 -3.01
CA ALA A 26 2.71 12.61 -2.22
C ALA A 26 3.79 13.28 -3.05
N GLN A 27 4.19 14.50 -2.66
CA GLN A 27 5.34 15.18 -3.24
C GLN A 27 6.07 15.93 -2.14
N GLN A 28 7.39 15.89 -2.16
CA GLN A 28 8.19 16.65 -1.23
C GLN A 28 8.63 17.95 -1.90
N THR A 29 8.54 19.06 -1.14
CA THR A 29 8.93 20.36 -1.64
C THR A 29 9.99 21.03 -0.80
N ARG A 30 10.32 20.50 0.38
CA ARG A 30 11.27 21.16 1.26
C ARG A 30 11.93 20.11 2.13
N GLY A 31 13.21 20.32 2.40
CA GLY A 31 13.97 19.51 3.32
C GLY A 31 14.19 20.24 4.64
N GLU A 32 14.98 19.59 5.50
CA GLU A 32 15.16 20.09 6.87
C GLU A 32 15.80 21.48 6.89
N GLU A 33 16.80 21.73 6.03
CA GLU A 33 17.47 23.03 6.04
C GLU A 33 16.50 24.14 5.63
N GLY A 34 15.74 23.92 4.55
CA GLY A 34 14.75 24.92 4.14
C GLY A 34 13.61 25.08 5.14
N CYS A 35 13.21 23.98 5.78
CA CYS A 35 12.19 24.08 6.82
C CYS A 35 12.68 24.95 7.98
N GLN A 36 13.89 24.72 8.47
CA GLN A 36 14.35 25.51 9.61
C GLN A 36 14.39 27.01 9.27
N GLU A 37 14.87 27.38 8.08
CA GLU A 37 15.00 28.80 7.78
C GLU A 37 13.63 29.43 7.54
N THR A 38 12.76 28.78 6.78
CA THR A 38 11.42 29.34 6.58
C THR A 38 10.62 29.39 7.89
N SER A 39 10.86 28.47 8.82
CA SER A 39 10.15 28.55 10.10
C SER A 39 10.51 29.81 10.86
N GLN A 40 11.74 30.29 10.67
CA GLN A 40 12.27 31.47 11.33
C GLN A 40 11.69 32.73 10.71
N THR A 41 11.69 32.80 9.39
CA THR A 41 11.17 33.98 8.70
C THR A 41 9.65 33.96 8.59
N GLY A 42 9.06 32.78 8.57
CA GLY A 42 7.68 32.72 8.25
C GLY A 42 7.35 33.09 6.82
N ARG A 43 8.35 33.28 5.94
CA ARG A 43 8.12 33.72 4.56
C ARG A 43 8.33 32.56 3.57
N ASP A 44 7.25 32.14 2.92
CA ASP A 44 7.25 30.97 2.04
C ASP A 44 6.65 31.31 0.68
N LYS A 45 7.44 31.23 -0.38
CA LYS A 45 6.96 31.53 -1.72
C LYS A 45 6.66 30.27 -2.54
N ASN A 46 6.77 29.09 -1.96
CA ASN A 46 6.47 27.90 -2.75
C ASN A 46 4.99 27.87 -3.14
N GLN A 47 4.72 27.46 -4.38
CA GLN A 47 3.31 27.26 -4.77
C GLN A 47 2.67 26.18 -3.92
N VAL A 48 1.42 26.38 -3.54
CA VAL A 48 0.68 25.38 -2.76
C VAL A 48 -0.26 24.64 -3.69
N GLU A 49 -0.39 23.32 -3.48
CA GLU A 49 -1.39 22.49 -4.14
C GLU A 49 -1.83 21.38 -3.18
N GLY A 50 -2.94 20.75 -3.51
CA GLY A 50 -3.35 19.53 -2.85
C GLY A 50 -4.31 19.80 -1.72
N GLU A 51 -4.95 18.71 -1.26
CA GLU A 51 -5.90 18.73 -0.15
C GLU A 51 -5.19 18.55 1.18
N VAL A 52 -4.05 17.87 1.18
CA VAL A 52 -3.33 17.57 2.39
C VAL A 52 -1.93 18.12 2.22
N GLN A 53 -1.51 18.97 3.17
CA GLN A 53 -0.17 19.50 3.29
C GLN A 53 0.64 18.69 4.29
N ILE A 54 1.88 18.43 3.93
CA ILE A 54 2.86 17.86 4.85
C ILE A 54 3.53 19.06 5.51
N VAL A 55 3.42 19.14 6.83
CA VAL A 55 3.89 20.34 7.53
C VAL A 55 4.95 19.96 8.55
N SER A 56 5.71 20.96 8.96
CA SER A 56 6.77 20.69 9.91
C SER A 56 7.06 21.91 10.77
N THR A 57 7.36 21.67 12.06
CA THR A 57 7.94 22.73 12.86
C THR A 57 9.46 22.58 12.81
N ALA A 58 10.17 23.16 13.74
CA ALA A 58 11.60 22.87 13.71
C ALA A 58 11.90 21.38 13.96
N THR A 59 10.97 20.67 14.59
CA THR A 59 11.27 19.45 15.31
C THR A 59 10.24 18.32 15.14
N GLN A 60 9.08 18.57 14.54
CA GLN A 60 8.03 17.58 14.35
C GLN A 60 7.45 17.77 12.97
N THR A 61 7.11 16.65 12.32
CA THR A 61 6.42 16.66 11.04
C THR A 61 5.07 15.96 11.17
N PHE A 62 4.08 16.49 10.49
CA PHE A 62 2.73 15.99 10.65
C PHE A 62 1.98 16.49 9.43
N LEU A 63 0.67 16.36 9.45
CA LEU A 63 -0.11 16.73 8.30
C LEU A 63 -1.10 17.86 8.63
N ALA A 64 -1.63 18.49 7.57
CA ALA A 64 -2.67 19.51 7.68
C ALA A 64 -3.63 19.26 6.52
N THR A 65 -4.95 19.37 6.78
CA THR A 65 -5.99 19.05 5.79
C THR A 65 -6.90 20.25 5.58
N SER A 66 -7.12 20.60 4.31
N SER A 66 -7.14 20.60 4.31
CA SER A 66 -8.00 21.72 4.00
CA SER A 66 -8.00 21.73 3.98
C SER A 66 -9.44 21.25 3.98
C SER A 66 -9.44 21.27 3.95
N ILE A 67 -10.30 21.92 4.75
CA ILE A 67 -11.72 21.63 4.75
C ILE A 67 -12.48 22.92 5.00
N ASN A 68 -13.48 23.23 4.16
CA ASN A 68 -14.31 24.41 4.38
C ASN A 68 -13.48 25.69 4.35
N GLY A 69 -12.41 25.70 3.56
CA GLY A 69 -11.66 26.93 3.41
C GLY A 69 -10.67 27.21 4.51
N VAL A 70 -10.40 26.21 5.37
CA VAL A 70 -9.49 26.29 6.51
C VAL A 70 -8.52 25.13 6.41
N LEU A 71 -7.25 25.38 6.75
CA LEU A 71 -6.20 24.38 6.75
C LEU A 71 -6.09 23.95 8.21
N TRP A 72 -6.46 22.71 8.48
CA TRP A 72 -6.66 22.25 9.85
C TRP A 72 -5.50 21.35 10.24
N THR A 73 -5.18 21.32 11.52
CA THR A 73 -4.20 20.35 11.97
C THR A 73 -4.39 20.16 13.48
N VAL A 74 -3.50 19.40 14.08
CA VAL A 74 -3.58 19.11 15.50
C VAL A 74 -2.75 20.13 16.31
N TYR A 75 -3.29 20.46 17.47
CA TYR A 75 -2.59 21.37 18.37
C TYR A 75 -1.31 20.73 18.88
N HIS A 76 -1.33 19.42 19.07
CA HIS A 76 -0.18 18.74 19.60
C HIS A 76 0.96 18.70 18.59
N GLY A 77 0.70 19.13 17.35
CA GLY A 77 1.75 19.29 16.38
C GLY A 77 2.10 20.75 16.20
N ALA A 78 1.08 21.58 15.99
CA ALA A 78 1.26 22.99 15.65
C ALA A 78 1.40 23.92 16.85
N GLY A 79 1.00 23.50 18.04
CA GLY A 79 0.92 24.55 19.06
C GLY A 79 0.08 25.74 18.61
N THR A 80 0.43 26.90 19.16
CA THR A 80 -0.21 28.14 18.73
C THR A 80 0.51 28.81 17.54
N ARG A 81 1.37 28.09 16.82
CA ARG A 81 2.28 28.74 15.86
C ARG A 81 1.51 29.31 14.66
N THR A 82 2.04 30.41 14.13
CA THR A 82 1.68 30.84 12.78
C THR A 82 2.16 29.81 11.76
N ILE A 83 1.70 30.02 10.52
CA ILE A 83 2.11 29.21 9.38
C ILE A 83 2.75 30.15 8.37
N ALA A 84 3.89 29.73 7.82
CA ALA A 84 4.59 30.52 6.81
C ALA A 84 3.78 30.63 5.52
N SER A 85 3.85 31.80 4.88
CA SER A 85 3.08 32.09 3.68
C SER A 85 3.79 33.12 2.82
N PRO A 86 3.29 33.36 1.60
CA PRO A 86 3.95 34.35 0.72
C PRO A 86 4.01 35.75 1.33
N LYS A 87 3.06 36.12 2.20
CA LYS A 87 3.04 37.40 2.90
C LYS A 87 3.50 37.29 4.36
N GLY A 88 4.27 36.26 4.71
CA GLY A 88 4.77 36.18 6.06
C GLY A 88 3.92 35.29 6.95
N PRO A 89 4.22 35.31 8.24
CA PRO A 89 3.54 34.40 9.16
C PRO A 89 2.06 34.73 9.29
N VAL A 90 1.22 33.70 9.18
CA VAL A 90 -0.23 33.85 9.31
C VAL A 90 -0.70 33.26 10.63
N THR A 91 -1.42 34.08 11.39
N THR A 91 -1.42 34.08 11.38
CA THR A 91 -1.95 33.69 12.68
CA THR A 91 -1.93 33.68 12.68
C THR A 91 -3.09 32.69 12.54
C THR A 91 -3.09 32.70 12.54
N GLN A 92 -3.23 31.83 13.53
CA GLN A 92 -4.31 30.87 13.52
C GLN A 92 -5.66 31.59 13.55
N MET A 93 -6.61 31.06 12.77
CA MET A 93 -7.97 31.58 12.86
C MET A 93 -8.70 30.92 14.00
N TYR A 94 -8.45 29.61 14.21
CA TYR A 94 -9.15 28.80 15.21
C TYR A 94 -8.14 28.01 16.03
N THR A 95 -8.34 28.03 17.35
CA THR A 95 -7.52 27.26 18.26
C THR A 95 -8.47 26.69 19.31
N ASN A 96 -8.59 25.37 19.35
CA ASN A 96 -9.26 24.70 20.46
C ASN A 96 -8.44 23.54 21.01
N VAL A 97 -7.81 23.77 22.17
CA VAL A 97 -6.89 22.76 22.68
C VAL A 97 -7.65 21.55 23.15
N ASP A 98 -8.85 21.75 23.70
CA ASP A 98 -9.67 20.64 24.13
C ASP A 98 -9.94 19.69 22.98
N LYS A 99 -10.14 20.22 21.77
CA LYS A 99 -10.32 19.34 20.63
C LYS A 99 -9.01 18.95 19.97
N ASP A 100 -7.88 19.48 20.47
CA ASP A 100 -6.57 19.23 19.87
C ASP A 100 -6.58 19.70 18.43
N LEU A 101 -7.16 20.88 18.18
CA LEU A 101 -7.50 21.34 16.85
C LEU A 101 -7.08 22.79 16.70
N VAL A 102 -6.29 23.08 15.66
CA VAL A 102 -5.98 24.44 15.22
C VAL A 102 -6.30 24.57 13.74
N GLY A 103 -6.59 25.79 13.34
CA GLY A 103 -6.67 26.03 11.91
C GLY A 103 -6.34 27.43 11.43
N TRP A 104 -5.77 27.49 10.23
CA TRP A 104 -5.46 28.75 9.58
C TRP A 104 -6.31 28.86 8.33
N GLN A 105 -6.56 30.09 7.89
CA GLN A 105 -7.14 30.25 6.57
C GLN A 105 -6.36 29.42 5.56
N ALA A 106 -7.09 28.70 4.67
CA ALA A 106 -6.47 27.80 3.70
C ALA A 106 -5.62 28.60 2.71
N PRO A 107 -4.44 28.11 2.37
CA PRO A 107 -3.60 28.83 1.42
C PRO A 107 -4.20 28.84 0.03
N GLN A 108 -4.06 29.97 -0.66
CA GLN A 108 -4.40 29.98 -2.07
C GLN A 108 -3.71 28.78 -2.72
N GLY A 109 -4.50 27.99 -3.45
CA GLY A 109 -4.00 26.89 -4.24
C GLY A 109 -4.28 25.54 -3.64
N SER A 110 -4.42 25.45 -2.31
CA SER A 110 -4.94 24.22 -1.73
C SER A 110 -6.40 24.04 -2.15
N ARG A 111 -6.85 22.79 -2.21
CA ARG A 111 -8.23 22.45 -2.54
C ARG A 111 -8.89 21.85 -1.32
N SER A 112 -10.08 22.37 -0.98
CA SER A 112 -10.76 21.90 0.22
C SER A 112 -11.52 20.62 -0.07
N LEU A 113 -11.38 19.63 0.80
CA LEU A 113 -12.20 18.43 0.74
C LEU A 113 -13.65 18.72 1.10
N THR A 114 -14.53 17.95 0.55
CA THR A 114 -15.96 18.09 0.79
C THR A 114 -16.33 17.32 2.05
N PRO A 115 -17.11 17.89 2.98
CA PRO A 115 -17.52 17.12 4.16
C PRO A 115 -18.43 15.97 3.77
N CYS A 116 -18.14 14.79 4.32
CA CYS A 116 -18.89 13.61 3.95
C CYS A 116 -20.30 13.60 4.53
N THR A 117 -21.25 13.22 3.67
CA THR A 117 -22.64 13.00 4.03
C THR A 117 -23.08 11.58 3.66
N CYS A 118 -22.13 10.64 3.58
CA CYS A 118 -22.40 9.25 3.20
C CYS A 118 -22.89 8.39 4.36
N GLY A 119 -22.45 8.71 5.58
CA GLY A 119 -22.67 7.80 6.69
C GLY A 119 -21.97 6.47 6.53
N SER A 120 -20.97 6.38 5.67
CA SER A 120 -20.33 5.10 5.38
C SER A 120 -19.68 4.50 6.63
N SER A 121 -19.53 3.17 6.60
CA SER A 121 -18.75 2.47 7.62
C SER A 121 -17.32 2.24 7.19
N ASP A 122 -17.05 2.27 5.89
CA ASP A 122 -15.70 2.08 5.37
C ASP A 122 -15.02 3.44 5.27
N LEU A 123 -13.90 3.61 5.97
CA LEU A 123 -13.13 4.82 5.96
C LEU A 123 -11.70 4.51 5.54
N TYR A 124 -10.99 5.55 5.14
CA TYR A 124 -9.66 5.40 4.58
C TYR A 124 -8.82 6.52 5.16
N LEU A 125 -7.84 6.14 5.97
CA LEU A 125 -6.87 7.06 6.50
C LEU A 125 -5.76 7.24 5.47
N VAL A 126 -5.49 8.49 5.11
CA VAL A 126 -4.33 8.82 4.28
C VAL A 126 -3.16 9.08 5.21
N THR A 127 -2.07 8.32 5.06
CA THR A 127 -0.86 8.56 5.84
C THR A 127 0.04 9.56 5.11
N ARG A 128 1.08 10.05 5.81
CA ARG A 128 1.94 11.10 5.26
C ARG A 128 2.69 10.67 3.99
N HIS A 129 2.67 9.37 3.69
CA HIS A 129 3.32 8.76 2.55
C HIS A 129 2.35 8.54 1.41
N ALA A 130 1.11 8.98 1.55
CA ALA A 130 0.02 8.72 0.62
C ALA A 130 -0.47 7.28 0.69
N ASP A 131 -0.01 6.50 1.67
CA ASP A 131 -0.62 5.20 1.96
C ASP A 131 -2.06 5.41 2.41
N VAL A 132 -2.98 4.62 1.86
CA VAL A 132 -4.39 4.67 2.21
C VAL A 132 -4.69 3.43 3.05
N ILE A 133 -4.99 3.64 4.33
CA ILE A 133 -5.18 2.55 5.27
C ILE A 133 -6.67 2.36 5.53
N PRO A 134 -7.21 1.18 5.32
CA PRO A 134 -8.64 0.98 5.61
C PRO A 134 -8.94 1.04 7.10
N VAL A 135 -10.14 1.53 7.41
CA VAL A 135 -10.62 1.71 8.78
C VAL A 135 -12.12 1.46 8.78
N ARG A 136 -12.62 0.83 9.86
CA ARG A 136 -14.04 0.57 10.07
C ARG A 136 -14.59 1.56 11.10
N ARG A 137 -15.49 2.43 10.66
CA ARG A 137 -16.04 3.47 11.51
C ARG A 137 -16.78 2.83 12.67
N ARG A 138 -16.63 3.42 13.89
CA ARG A 138 -17.30 2.96 15.13
C ARG A 138 -17.84 4.19 15.88
N GLY A 139 -18.89 4.81 15.35
CA GLY A 139 -19.31 6.11 15.84
C GLY A 139 -18.80 7.26 14.98
N ASP A 140 -18.65 8.44 15.58
CA ASP A 140 -18.24 9.62 14.83
C ASP A 140 -16.82 10.07 15.10
N SER A 141 -16.11 9.44 16.04
CA SER A 141 -14.75 9.91 16.28
C SER A 141 -13.77 8.77 16.49
N ARG A 142 -14.13 7.55 16.10
N ARG A 142 -14.12 7.55 16.11
CA ARG A 142 -13.26 6.41 16.28
CA ARG A 142 -13.27 6.39 16.33
C ARG A 142 -13.38 5.47 15.11
C ARG A 142 -13.38 5.45 15.14
N GLY A 143 -12.32 4.69 14.91
CA GLY A 143 -12.25 3.75 13.81
C GLY A 143 -11.38 2.60 14.23
N SER A 144 -11.77 1.40 13.81
CA SER A 144 -10.98 0.19 14.02
C SER A 144 -10.19 -0.17 12.76
N LEU A 145 -8.88 -0.36 12.93
CA LEU A 145 -8.04 -0.81 11.83
C LEU A 145 -8.45 -2.21 11.38
N LEU A 146 -8.42 -2.44 10.06
CA LEU A 146 -8.73 -3.77 9.54
C LEU A 146 -7.60 -4.76 9.84
N SER A 147 -6.35 -4.31 9.68
CA SER A 147 -5.15 -5.04 10.08
C SER A 147 -4.39 -4.19 11.10
N PRO A 148 -4.11 -4.67 12.31
CA PRO A 148 -3.25 -3.92 13.24
C PRO A 148 -1.91 -3.60 12.61
N ARG A 149 -1.38 -2.43 12.97
CA ARG A 149 -0.11 -1.95 12.43
C ARG A 149 0.76 -1.48 13.60
N PRO A 150 2.06 -1.77 13.57
CA PRO A 150 2.97 -1.09 14.51
C PRO A 150 2.69 0.41 14.49
N ILE A 151 2.66 1.02 15.67
CA ILE A 151 2.33 2.44 15.71
C ILE A 151 3.34 3.26 14.91
N SER A 152 4.55 2.71 14.71
CA SER A 152 5.56 3.39 13.91
C SER A 152 5.00 3.84 12.57
N TYR A 153 4.17 2.99 11.94
CA TYR A 153 3.66 3.29 10.59
C TYR A 153 2.76 4.52 10.59
N LEU A 154 2.10 4.82 11.72
CA LEU A 154 1.12 5.90 11.79
C LEU A 154 1.71 7.21 12.31
N LYS A 155 2.85 7.15 12.98
CA LYS A 155 3.44 8.36 13.53
C LYS A 155 3.77 9.36 12.42
N GLY A 156 3.53 10.63 12.69
CA GLY A 156 3.70 11.63 11.65
C GLY A 156 2.51 11.83 10.76
N SER A 157 1.39 11.18 11.05
CA SER A 157 0.22 11.29 10.20
C SER A 157 -0.93 12.04 10.84
N SER A 158 -0.79 12.47 12.10
CA SER A 158 -1.81 13.27 12.75
C SER A 158 -2.10 14.49 11.90
N GLY A 159 -3.37 14.83 11.83
CA GLY A 159 -3.82 15.95 11.09
C GLY A 159 -4.18 15.61 9.67
N GLY A 160 -3.95 14.36 9.25
CA GLY A 160 -4.40 13.92 7.95
C GLY A 160 -5.85 13.49 7.99
N PRO A 161 -6.42 13.22 6.82
CA PRO A 161 -7.85 12.95 6.72
C PRO A 161 -8.18 11.47 6.78
N LEU A 162 -9.33 11.18 7.40
CA LEU A 162 -10.13 9.98 7.15
C LEU A 162 -11.09 10.37 6.02
N LEU A 163 -11.12 9.58 4.96
CA LEU A 163 -12.07 9.77 3.85
C LEU A 163 -13.04 8.60 3.79
N CYS A 164 -14.23 8.88 3.26
CA CYS A 164 -15.20 7.86 2.90
C CYS A 164 -14.91 7.32 1.51
N PRO A 165 -15.63 6.27 1.09
CA PRO A 165 -15.36 5.69 -0.24
C PRO A 165 -15.47 6.71 -1.36
N ALA A 166 -16.38 7.68 -1.26
CA ALA A 166 -16.56 8.67 -2.30
C ALA A 166 -15.47 9.72 -2.29
N GLY A 167 -14.64 9.77 -1.27
CA GLY A 167 -13.55 10.73 -1.23
C GLY A 167 -13.83 11.95 -0.38
N HIS A 168 -14.93 11.95 0.36
CA HIS A 168 -15.21 13.10 1.21
C HIS A 168 -14.45 13.00 2.52
N ALA A 169 -14.31 14.15 3.19
CA ALA A 169 -13.67 14.19 4.50
C ALA A 169 -14.64 13.76 5.60
N VAL A 170 -14.23 12.81 6.42
CA VAL A 170 -15.00 12.43 7.60
C VAL A 170 -14.42 13.00 8.89
N GLY A 171 -13.11 13.20 8.94
CA GLY A 171 -12.53 13.70 10.17
C GLY A 171 -11.04 13.87 10.02
N ILE A 172 -10.44 14.46 11.05
CA ILE A 172 -9.00 14.71 11.13
C ILE A 172 -8.40 13.71 12.09
N PHE A 173 -7.37 12.97 11.64
CA PHE A 173 -6.70 11.97 12.47
C PHE A 173 -5.95 12.61 13.67
N ARG A 174 -6.31 12.17 14.87
CA ARG A 174 -5.83 12.79 16.10
C ARG A 174 -4.86 11.93 16.89
N ALA A 175 -5.21 10.66 17.12
CA ALA A 175 -4.43 9.78 17.98
C ALA A 175 -4.80 8.35 17.65
N ALA A 176 -3.99 7.41 18.14
CA ALA A 176 -4.17 5.98 17.92
C ALA A 176 -4.19 5.19 19.23
N VAL A 177 -5.09 4.21 19.29
CA VAL A 177 -5.23 3.32 20.43
C VAL A 177 -4.39 2.09 20.14
N SER A 178 -3.53 1.70 21.08
CA SER A 178 -2.57 0.65 20.81
C SER A 178 -2.17 -0.08 22.10
N THR A 179 -1.64 -1.29 21.92
CA THR A 179 -0.85 -1.99 22.94
C THR A 179 -0.17 -3.21 22.32
N VAL A 182 1.44 -2.01 18.76
CA VAL A 182 0.56 -2.25 17.62
C VAL A 182 -0.73 -1.44 17.79
N ALA A 183 -1.11 -0.74 16.74
CA ALA A 183 -2.32 0.07 16.77
C ALA A 183 -3.52 -0.78 16.41
N LYS A 184 -4.57 -0.70 17.21
CA LYS A 184 -5.83 -1.36 16.91
C LYS A 184 -6.90 -0.39 16.44
N ALA A 185 -6.86 0.86 16.89
CA ALA A 185 -7.92 1.81 16.61
C ALA A 185 -7.34 3.20 16.50
N VAL A 186 -8.14 4.11 15.94
CA VAL A 186 -7.72 5.49 15.77
C VAL A 186 -8.86 6.41 16.20
N ALA A 187 -8.47 7.59 16.64
CA ALA A 187 -9.36 8.66 17.09
C ALA A 187 -9.20 9.76 16.08
N PHE A 188 -10.30 10.39 15.69
CA PHE A 188 -10.24 11.48 14.73
C PHE A 188 -11.28 12.49 15.16
N ILE A 189 -11.08 13.73 14.75
CA ILE A 189 -12.01 14.83 15.04
C ILE A 189 -12.99 14.87 13.90
N PRO A 190 -14.30 14.75 14.14
CA PRO A 190 -15.25 14.71 13.04
C PRO A 190 -15.38 16.07 12.34
N VAL A 191 -15.60 16.01 11.04
CA VAL A 191 -15.86 17.23 10.29
C VAL A 191 -16.96 18.06 10.95
N GLU A 192 -17.91 17.41 11.64
CA GLU A 192 -18.98 18.13 12.34
C GLU A 192 -18.40 19.03 13.42
N SER A 193 -17.42 18.55 14.18
CA SER A 193 -16.78 19.38 15.19
C SER A 193 -16.01 20.53 14.55
N LEU A 194 -15.44 20.34 13.36
CA LEU A 194 -14.74 21.47 12.76
C LEU A 194 -15.73 22.59 12.46
N GLU A 195 -16.88 22.22 11.88
CA GLU A 195 -17.86 23.24 11.52
C GLU A 195 -18.37 23.97 12.76
N THR A 196 -18.57 23.25 13.87
CA THR A 196 -18.98 23.93 15.11
C THR A 196 -17.92 24.92 15.55
N THR A 197 -16.65 24.52 15.49
CA THR A 197 -15.58 25.44 15.79
C THR A 197 -15.67 26.67 14.88
N MET A 198 -15.96 26.46 13.62
CA MET A 198 -15.98 27.58 12.68
C MET A 198 -17.10 28.56 12.94
N LYS B 8 -11.36 -2.46 -3.80
CA LYS B 8 -10.00 -2.53 -3.29
C LYS B 8 -9.80 -3.77 -2.43
N GLY B 9 -10.25 -4.91 -2.94
CA GLY B 9 -10.22 -6.16 -2.19
C GLY B 9 -8.81 -6.72 -2.06
N SER B 10 -8.71 -7.82 -1.31
CA SER B 10 -7.44 -8.48 -1.08
C SER B 10 -7.23 -9.63 -2.05
N VAL B 11 -5.95 -9.94 -2.29
CA VAL B 11 -5.53 -11.23 -2.82
C VAL B 11 -5.83 -12.31 -1.77
N VAL B 12 -6.18 -13.52 -2.23
CA VAL B 12 -6.57 -14.63 -1.35
C VAL B 12 -5.88 -15.94 -1.77
N ILE B 13 -5.30 -16.67 -0.81
CA ILE B 13 -4.75 -17.99 -1.09
C ILE B 13 -5.91 -18.99 -1.17
N VAL B 14 -6.05 -19.63 -2.33
CA VAL B 14 -7.13 -20.57 -2.59
C VAL B 14 -6.60 -21.96 -2.87
N GLY B 15 -5.30 -22.16 -2.73
CA GLY B 15 -4.77 -23.48 -2.99
C GLY B 15 -3.28 -23.38 -2.88
N ARG B 16 -2.62 -24.50 -3.16
CA ARG B 16 -1.17 -24.54 -3.02
C ARG B 16 -0.65 -25.66 -3.91
N ILE B 17 0.65 -25.57 -4.20
CA ILE B 17 1.43 -26.57 -4.92
C ILE B 17 2.59 -26.96 -4.01
N ASN B 18 2.70 -28.23 -3.66
CA ASN B 18 3.78 -28.70 -2.80
C ASN B 18 4.88 -29.34 -3.66
N LEU B 19 6.13 -29.02 -3.32
CA LEU B 19 7.26 -29.38 -4.18
C LEU B 19 8.33 -30.15 -3.42
N TYR B 25 1.78 -31.91 -7.37
CA TYR B 25 0.33 -32.01 -7.25
C TYR B 25 -0.28 -30.77 -6.59
N ALA B 26 -1.32 -30.23 -7.22
CA ALA B 26 -2.02 -29.08 -6.69
C ALA B 26 -3.07 -29.52 -5.66
N GLN B 27 -3.34 -28.68 -4.66
CA GLN B 27 -4.47 -28.87 -3.75
C GLN B 27 -5.27 -27.58 -3.68
N GLN B 28 -6.59 -27.66 -3.90
CA GLN B 28 -7.47 -26.52 -3.72
C GLN B 28 -7.92 -26.44 -2.27
N THR B 29 -7.92 -25.24 -1.69
CA THR B 29 -8.41 -25.05 -0.33
C THR B 29 -9.58 -24.08 -0.21
N ARG B 30 -9.98 -23.40 -1.28
CA ARG B 30 -11.11 -22.50 -1.17
C ARG B 30 -11.56 -22.12 -2.56
N GLY B 31 -12.87 -22.06 -2.78
CA GLY B 31 -13.44 -21.75 -4.07
C GLY B 31 -13.91 -20.31 -4.19
N GLU B 32 -14.78 -20.10 -5.19
CA GLU B 32 -15.19 -18.75 -5.57
C GLU B 32 -15.90 -18.03 -4.43
N GLU B 33 -16.84 -18.69 -3.75
CA GLU B 33 -17.60 -18.03 -2.70
C GLU B 33 -16.70 -17.64 -1.52
N GLY B 34 -15.85 -18.56 -1.06
CA GLY B 34 -14.91 -18.20 -0.01
C GLY B 34 -13.89 -17.18 -0.47
N CYS B 35 -13.45 -17.27 -1.71
CA CYS B 35 -12.47 -16.29 -2.18
C CYS B 35 -13.09 -14.89 -2.15
N GLN B 36 -14.23 -14.71 -2.82
CA GLN B 36 -14.89 -13.41 -2.83
C GLN B 36 -15.09 -12.83 -1.43
N GLU B 37 -15.52 -13.64 -0.46
CA GLU B 37 -15.78 -13.05 0.85
C GLU B 37 -14.48 -12.78 1.61
N THR B 38 -13.51 -13.68 1.52
CA THR B 38 -12.20 -13.41 2.11
C THR B 38 -11.52 -12.21 1.42
N SER B 39 -11.73 -12.05 0.12
CA SER B 39 -11.16 -10.87 -0.53
C SER B 39 -11.69 -9.60 0.11
N GLN B 40 -12.97 -9.60 0.50
CA GLN B 40 -13.57 -8.38 1.03
C GLN B 40 -13.16 -8.14 2.48
N THR B 41 -13.11 -9.20 3.29
CA THR B 41 -12.75 -9.01 4.69
C THR B 41 -11.23 -8.97 4.86
N GLY B 42 -10.50 -9.59 3.95
CA GLY B 42 -9.07 -9.69 4.17
C GLY B 42 -8.67 -10.53 5.37
N ARG B 43 -9.57 -11.33 5.91
CA ARG B 43 -9.26 -12.16 7.06
C ARG B 43 -9.27 -13.62 6.62
N ASP B 44 -8.13 -14.29 6.71
CA ASP B 44 -8.00 -15.69 6.29
C ASP B 44 -7.36 -16.49 7.41
N LYS B 45 -8.12 -17.43 7.98
CA LYS B 45 -7.66 -18.29 9.07
C LYS B 45 -7.14 -19.65 8.61
N ASN B 46 -7.06 -19.91 7.30
CA ASN B 46 -6.61 -21.23 6.86
C ASN B 46 -5.12 -21.40 7.12
N GLN B 47 -4.71 -22.63 7.45
CA GLN B 47 -3.29 -22.93 7.54
C GLN B 47 -2.62 -22.77 6.18
N VAL B 48 -1.44 -22.17 6.16
CA VAL B 48 -0.66 -22.05 4.93
C VAL B 48 0.46 -23.09 4.95
N GLU B 49 0.64 -23.78 3.84
CA GLU B 49 1.73 -24.74 3.69
C GLU B 49 2.30 -24.61 2.28
N GLY B 50 3.54 -25.08 2.14
CA GLY B 50 4.15 -25.19 0.83
C GLY B 50 4.81 -23.89 0.38
N GLU B 51 5.49 -24.01 -0.76
CA GLU B 51 6.31 -22.96 -1.35
C GLU B 51 5.55 -22.16 -2.41
N VAL B 52 4.58 -22.75 -3.10
CA VAL B 52 3.85 -22.04 -4.15
C VAL B 52 2.39 -22.01 -3.72
N GLN B 53 1.84 -20.82 -3.63
CA GLN B 53 0.44 -20.63 -3.30
C GLN B 53 -0.29 -20.36 -4.60
N ILE B 54 -1.48 -20.94 -4.75
CA ILE B 54 -2.45 -20.54 -5.77
C ILE B 54 -3.29 -19.42 -5.17
N VAL B 55 -3.34 -18.29 -5.86
CA VAL B 55 -3.93 -17.08 -5.30
C VAL B 55 -4.99 -16.62 -6.27
N SER B 56 -5.84 -15.72 -5.78
CA SER B 56 -6.97 -15.19 -6.53
C SER B 56 -7.36 -13.82 -5.99
N THR B 57 -7.64 -12.92 -6.92
CA THR B 57 -8.46 -11.76 -6.65
C THR B 57 -9.91 -12.23 -6.86
N ALA B 58 -10.85 -11.32 -6.99
CA ALA B 58 -12.21 -11.84 -7.25
C ALA B 58 -12.38 -12.28 -8.70
N THR B 59 -11.47 -11.86 -9.56
CA THR B 59 -11.62 -12.01 -10.99
C THR B 59 -10.44 -12.65 -11.73
N GLN B 60 -9.26 -12.77 -11.10
CA GLN B 60 -8.09 -13.41 -11.70
C GLN B 60 -7.48 -14.40 -10.71
N THR B 61 -6.96 -15.52 -11.20
CA THR B 61 -6.25 -16.50 -10.37
C THR B 61 -4.87 -16.74 -10.97
N PHE B 62 -3.88 -16.85 -10.11
CA PHE B 62 -2.50 -16.93 -10.58
C PHE B 62 -1.71 -17.58 -9.44
N LEU B 63 -0.41 -17.55 -9.53
CA LEU B 63 0.42 -18.20 -8.52
C LEU B 63 1.21 -17.16 -7.74
N ALA B 64 1.83 -17.60 -6.66
CA ALA B 64 2.74 -16.77 -5.88
C ALA B 64 3.78 -17.70 -5.28
N THR B 65 5.05 -17.25 -5.20
CA THR B 65 6.16 -18.10 -4.77
C THR B 65 6.93 -17.49 -3.61
N SER B 66 7.17 -18.28 -2.57
N SER B 66 7.17 -18.28 -2.57
CA SER B 66 7.92 -17.82 -1.42
CA SER B 66 7.93 -17.83 -1.42
C SER B 66 9.42 -18.01 -1.66
C SER B 66 9.42 -18.02 -1.66
N ILE B 67 10.19 -16.93 -1.56
CA ILE B 67 11.64 -16.97 -1.74
C ILE B 67 12.22 -15.89 -0.83
N ASN B 68 13.19 -16.27 0.01
CA ASN B 68 13.90 -15.31 0.85
C ASN B 68 12.99 -14.67 1.87
N GLY B 69 11.93 -15.35 2.25
CA GLY B 69 11.09 -14.81 3.28
C GLY B 69 9.94 -13.96 2.78
N VAL B 70 9.81 -13.80 1.47
CA VAL B 70 8.78 -12.95 0.89
C VAL B 70 7.95 -13.82 -0.05
N LEU B 71 6.64 -13.59 -0.02
CA LEU B 71 5.74 -14.22 -0.97
C LEU B 71 5.62 -13.29 -2.16
N TRP B 72 6.12 -13.73 -3.31
CA TRP B 72 6.27 -12.92 -4.51
C TRP B 72 5.18 -13.27 -5.54
N THR B 73 4.72 -12.26 -6.26
CA THR B 73 3.85 -12.53 -7.40
C THR B 73 4.00 -11.39 -8.39
N VAL B 74 3.19 -11.42 -9.44
CA VAL B 74 3.28 -10.45 -10.52
C VAL B 74 2.32 -9.31 -10.21
N TYR B 75 2.70 -8.10 -10.61
CA TYR B 75 1.81 -6.95 -10.47
C TYR B 75 0.58 -7.04 -11.36
N HIS B 76 0.74 -7.65 -12.52
CA HIS B 76 -0.37 -7.72 -13.45
C HIS B 76 -1.47 -8.62 -12.92
N GLY B 77 -1.21 -9.37 -11.85
CA GLY B 77 -2.26 -10.12 -11.20
C GLY B 77 -2.72 -9.49 -9.90
N ALA B 78 -1.78 -9.03 -9.08
CA ALA B 78 -2.12 -8.55 -7.73
C ALA B 78 -2.36 -7.04 -7.63
N GLY B 79 -1.82 -6.26 -8.56
CA GLY B 79 -1.88 -4.82 -8.41
C GLY B 79 -1.21 -4.37 -7.12
N THR B 80 -1.79 -3.36 -6.44
CA THR B 80 -1.30 -2.92 -5.13
C THR B 80 -2.07 -3.60 -3.99
N ARG B 81 -2.70 -4.71 -4.25
CA ARG B 81 -3.62 -5.29 -3.28
C ARG B 81 -2.90 -5.84 -2.04
N THR B 82 -3.57 -5.72 -0.90
CA THR B 82 -3.21 -6.45 0.30
C THR B 82 -3.45 -7.94 0.09
N ILE B 83 -2.88 -8.77 0.99
CA ILE B 83 -3.12 -10.21 1.01
C ILE B 83 -3.91 -10.55 2.29
N ALA B 84 -4.95 -11.37 2.14
CA ALA B 84 -5.72 -11.79 3.31
C ALA B 84 -4.87 -12.68 4.20
N SER B 85 -5.06 -12.56 5.51
CA SER B 85 -4.18 -13.23 6.47
C SER B 85 -4.92 -13.41 7.78
N PRO B 86 -4.40 -14.25 8.67
CA PRO B 86 -5.09 -14.49 9.94
C PRO B 86 -5.43 -13.23 10.72
N LYS B 87 -4.55 -12.24 10.69
CA LYS B 87 -4.74 -10.98 11.40
C LYS B 87 -5.23 -9.85 10.50
N GLY B 88 -5.83 -10.17 9.36
CA GLY B 88 -6.38 -9.13 8.51
C GLY B 88 -5.57 -8.89 7.24
N PRO B 89 -6.01 -7.94 6.42
CA PRO B 89 -5.28 -7.67 5.16
C PRO B 89 -3.89 -7.11 5.40
N VAL B 90 -2.89 -7.74 4.80
CA VAL B 90 -1.47 -7.40 5.01
C VAL B 90 -0.94 -6.63 3.81
N THR B 91 -0.31 -5.48 4.06
CA THR B 91 0.15 -4.62 2.97
C THR B 91 1.36 -5.20 2.24
N GLN B 92 1.54 -4.79 0.98
CA GLN B 92 2.75 -5.15 0.25
C GLN B 92 3.98 -4.54 0.91
N MET B 93 5.08 -5.28 0.92
CA MET B 93 6.34 -4.69 1.31
C MET B 93 7.19 -4.26 0.13
N TYR B 94 6.93 -4.83 -1.04
CA TYR B 94 7.74 -4.58 -2.22
C TYR B 94 6.78 -4.46 -3.39
N THR B 95 6.94 -3.38 -4.14
CA THR B 95 6.07 -3.09 -5.27
C THR B 95 7.01 -2.44 -6.27
N ASN B 96 7.16 -3.07 -7.46
CA ASN B 96 7.92 -2.50 -8.57
C ASN B 96 7.21 -2.80 -9.88
N VAL B 97 6.42 -1.83 -10.36
CA VAL B 97 5.59 -2.08 -11.54
C VAL B 97 6.46 -2.39 -12.74
N ASP B 98 7.63 -1.74 -12.82
CA ASP B 98 8.48 -1.91 -13.99
C ASP B 98 8.99 -3.34 -14.07
N LYS B 99 9.24 -3.99 -12.93
CA LYS B 99 9.62 -5.39 -12.93
C LYS B 99 8.42 -6.32 -12.99
N ASP B 100 7.19 -5.78 -12.90
CA ASP B 100 5.97 -6.59 -12.85
C ASP B 100 6.05 -7.47 -11.61
N LEU B 101 6.42 -6.87 -10.47
CA LEU B 101 6.75 -7.63 -9.26
C LEU B 101 6.20 -6.98 -8.00
N VAL B 102 5.52 -7.78 -7.18
CA VAL B 102 5.08 -7.37 -5.86
C VAL B 102 5.47 -8.45 -4.88
N GLY B 103 5.53 -8.07 -3.61
CA GLY B 103 5.84 -9.06 -2.62
C GLY B 103 5.33 -8.67 -1.24
N TRP B 104 4.85 -9.68 -0.49
CA TRP B 104 4.42 -9.54 0.90
C TRP B 104 5.34 -10.37 1.80
N GLN B 105 5.43 -10.01 3.10
CA GLN B 105 6.11 -10.90 4.05
C GLN B 105 5.49 -12.28 3.93
N ALA B 106 6.33 -13.33 3.87
CA ALA B 106 5.81 -14.67 3.62
C ALA B 106 4.86 -15.08 4.75
N PRO B 107 3.73 -15.72 4.43
CA PRO B 107 2.81 -16.17 5.48
C PRO B 107 3.47 -17.21 6.38
N GLN B 108 3.18 -17.15 7.68
CA GLN B 108 3.59 -18.22 8.56
C GLN B 108 3.09 -19.54 7.99
N GLY B 109 4.04 -20.45 7.79
CA GLY B 109 3.75 -21.80 7.39
C GLY B 109 4.17 -22.10 5.99
N SER B 110 4.32 -21.06 5.16
CA SER B 110 4.97 -21.17 3.87
C SER B 110 6.46 -21.44 4.07
N ARG B 111 7.03 -22.18 3.15
CA ARG B 111 8.46 -22.48 3.13
C ARG B 111 9.07 -21.80 1.91
N SER B 112 10.12 -21.02 2.12
CA SER B 112 10.77 -20.38 0.98
C SER B 112 11.65 -21.36 0.23
N LEU B 113 11.67 -21.22 -1.09
CA LEU B 113 12.66 -21.91 -1.91
C LEU B 113 14.06 -21.28 -1.73
N THR B 114 15.05 -22.09 -1.98
CA THR B 114 16.44 -21.63 -2.02
C THR B 114 16.76 -21.04 -3.39
N PRO B 115 17.31 -19.82 -3.47
CA PRO B 115 17.80 -19.30 -4.77
C PRO B 115 18.87 -20.18 -5.40
N CYS B 116 18.70 -20.47 -6.69
CA CYS B 116 19.67 -21.26 -7.44
C CYS B 116 20.96 -20.47 -7.68
N THR B 117 22.10 -21.10 -7.36
CA THR B 117 23.39 -20.64 -7.84
C THR B 117 24.06 -21.66 -8.76
N CYS B 118 23.33 -22.71 -9.15
CA CYS B 118 23.94 -23.80 -9.92
C CYS B 118 24.39 -23.34 -11.29
N GLY B 119 23.67 -22.39 -11.90
CA GLY B 119 23.98 -22.04 -13.27
C GLY B 119 23.52 -23.05 -14.28
N SER B 120 22.61 -23.94 -13.91
CA SER B 120 22.14 -24.93 -14.85
C SER B 120 21.31 -24.29 -15.97
N SER B 121 21.36 -24.90 -17.14
CA SER B 121 20.57 -24.46 -18.28
C SER B 121 19.29 -25.25 -18.45
N ASP B 122 19.05 -26.29 -17.64
CA ASP B 122 17.82 -27.08 -17.70
C ASP B 122 16.90 -26.61 -16.59
N LEU B 123 15.81 -25.94 -16.96
CA LEU B 123 14.91 -25.35 -15.98
C LEU B 123 13.59 -26.07 -16.07
N TYR B 124 12.75 -25.85 -15.07
CA TYR B 124 11.41 -26.43 -15.03
C TYR B 124 10.42 -25.41 -14.53
N LEU B 125 9.40 -25.18 -15.33
CA LEU B 125 8.32 -24.28 -14.97
C LEU B 125 7.20 -25.08 -14.33
N VAL B 126 6.75 -24.62 -13.17
CA VAL B 126 5.66 -25.26 -12.44
C VAL B 126 4.38 -24.50 -12.72
N THR B 127 3.38 -25.19 -13.26
CA THR B 127 2.12 -24.58 -13.60
C THR B 127 1.12 -24.79 -12.48
N ARG B 128 0.05 -24.02 -12.52
CA ARG B 128 -0.97 -24.10 -11.47
C ARG B 128 -1.69 -25.44 -11.46
N HIS B 129 -1.56 -26.19 -12.54
CA HIS B 129 -2.05 -27.56 -12.59
C HIS B 129 -0.96 -28.54 -12.22
N ALA B 130 0.13 -28.06 -11.64
CA ALA B 130 1.22 -28.91 -11.17
C ALA B 130 1.84 -29.69 -12.31
N ASP B 131 1.66 -29.27 -13.55
CA ASP B 131 2.54 -29.69 -14.63
C ASP B 131 3.95 -29.15 -14.36
N VAL B 132 4.96 -29.95 -14.67
CA VAL B 132 6.34 -29.49 -14.67
C VAL B 132 6.79 -29.42 -16.13
N ILE B 133 7.03 -28.22 -16.63
CA ILE B 133 7.30 -27.99 -18.04
C ILE B 133 8.80 -27.75 -18.22
N PRO B 134 9.51 -28.59 -18.99
CA PRO B 134 10.96 -28.39 -19.15
C PRO B 134 11.17 -27.17 -20.04
N VAL B 135 12.05 -26.29 -19.59
CA VAL B 135 12.45 -25.08 -20.29
C VAL B 135 13.98 -25.06 -20.35
N ARG B 136 14.54 -24.56 -21.46
CA ARG B 136 15.99 -24.37 -21.62
C ARG B 136 16.33 -22.91 -21.40
N ARG B 137 17.24 -22.64 -20.47
CA ARG B 137 17.57 -21.26 -20.13
C ARG B 137 18.30 -20.61 -21.30
N ARG B 138 17.88 -19.38 -21.65
CA ARG B 138 18.52 -18.65 -22.74
C ARG B 138 19.38 -17.51 -22.23
N GLY B 139 19.34 -17.20 -20.93
CA GLY B 139 20.25 -16.24 -20.33
C GLY B 139 19.86 -15.97 -18.89
N ASP B 140 19.36 -14.77 -18.59
CA ASP B 140 18.96 -14.34 -17.25
C ASP B 140 17.45 -14.45 -17.03
N SER B 141 16.66 -14.36 -18.10
CA SER B 141 15.24 -14.08 -17.96
C SER B 141 14.41 -14.69 -19.08
N ARG B 142 14.96 -15.64 -19.80
CA ARG B 142 14.26 -16.23 -20.93
C ARG B 142 14.58 -17.70 -20.89
N GLY B 143 13.57 -18.50 -21.21
CA GLY B 143 13.78 -19.91 -21.40
C GLY B 143 12.98 -20.36 -22.60
N SER B 144 13.54 -21.23 -23.43
CA SER B 144 12.81 -21.77 -24.57
C SER B 144 11.99 -22.99 -24.15
N LEU B 145 10.72 -23.05 -24.55
CA LEU B 145 10.00 -24.30 -24.33
C LEU B 145 10.59 -25.34 -25.27
N LEU B 146 10.94 -26.50 -24.72
CA LEU B 146 11.35 -27.63 -25.55
C LEU B 146 10.22 -28.05 -26.51
N SER B 147 8.97 -28.04 -26.04
CA SER B 147 7.77 -28.29 -26.84
C SER B 147 6.89 -27.04 -26.79
N PRO B 148 6.72 -26.30 -27.89
CA PRO B 148 5.81 -25.13 -27.87
C PRO B 148 4.40 -25.55 -27.46
N ARG B 149 3.69 -24.65 -26.79
CA ARG B 149 2.38 -24.96 -26.23
C ARG B 149 1.37 -23.85 -26.54
N PRO B 150 0.11 -24.22 -26.76
CA PRO B 150 -0.94 -23.19 -26.82
C PRO B 150 -0.95 -22.38 -25.53
N ILE B 151 -1.01 -21.05 -25.67
CA ILE B 151 -0.91 -20.19 -24.50
C ILE B 151 -1.97 -20.55 -23.47
N SER B 152 -3.08 -21.14 -23.93
CA SER B 152 -4.12 -21.61 -23.01
C SER B 152 -3.51 -22.47 -21.90
N TYR B 153 -2.50 -23.28 -22.24
CA TYR B 153 -1.94 -24.17 -21.23
C TYR B 153 -1.18 -23.42 -20.13
N LEU B 154 -0.71 -22.20 -20.38
CA LEU B 154 0.13 -21.45 -19.43
C LEU B 154 -0.67 -20.41 -18.65
N LYS B 155 -1.83 -20.03 -19.14
CA LYS B 155 -2.56 -18.95 -18.49
C LYS B 155 -2.83 -19.29 -17.02
N GLY B 156 -2.72 -18.30 -16.15
CA GLY B 156 -2.97 -18.53 -14.74
C GLY B 156 -1.80 -19.11 -14.00
N SER B 157 -0.63 -19.15 -14.62
CA SER B 157 0.53 -19.65 -13.92
C SER B 157 1.57 -18.57 -13.66
N SER B 158 1.29 -17.31 -14.01
CA SER B 158 2.21 -16.24 -13.68
C SER B 158 2.35 -16.19 -12.17
N GLY B 159 3.55 -15.79 -11.72
CA GLY B 159 3.94 -15.82 -10.35
C GLY B 159 4.55 -17.13 -9.89
N GLY B 160 4.45 -18.20 -10.68
CA GLY B 160 4.95 -19.49 -10.26
C GLY B 160 6.43 -19.60 -10.51
N PRO B 161 7.06 -20.65 -10.02
CA PRO B 161 8.52 -20.68 -10.11
C PRO B 161 9.02 -21.39 -11.35
N LEU B 162 10.22 -20.98 -11.73
CA LEU B 162 11.13 -21.74 -12.59
C LEU B 162 12.17 -22.35 -11.65
N LEU B 163 12.35 -23.67 -11.72
CA LEU B 163 13.28 -24.40 -10.86
C LEU B 163 14.39 -25.01 -11.70
N CYS B 164 15.53 -25.23 -11.07
CA CYS B 164 16.64 -25.98 -11.63
C CYS B 164 16.50 -27.44 -11.24
N PRO B 165 17.33 -28.34 -11.78
CA PRO B 165 17.19 -29.76 -11.44
C PRO B 165 17.20 -30.01 -9.96
N ALA B 166 17.97 -29.23 -9.20
CA ALA B 166 18.13 -29.48 -7.78
C ALA B 166 16.96 -28.97 -6.96
N GLY B 167 15.95 -28.41 -7.59
CA GLY B 167 14.84 -27.84 -6.85
C GLY B 167 15.02 -26.40 -6.40
N HIS B 168 16.06 -25.70 -6.87
CA HIS B 168 16.28 -24.31 -6.50
C HIS B 168 15.44 -23.37 -7.36
N ALA B 169 15.06 -22.23 -6.78
CA ALA B 169 14.39 -21.15 -7.51
C ALA B 169 15.34 -20.35 -8.41
N VAL B 170 15.08 -20.40 -9.72
CA VAL B 170 15.76 -19.54 -10.68
C VAL B 170 15.00 -18.23 -10.97
N GLY B 171 13.68 -18.22 -10.85
CA GLY B 171 12.96 -16.99 -11.09
C GLY B 171 11.47 -17.22 -11.05
N ILE B 172 10.74 -16.12 -11.25
CA ILE B 172 9.28 -16.06 -11.20
C ILE B 172 8.74 -15.88 -12.62
N PHE B 173 7.71 -16.64 -12.98
CA PHE B 173 7.11 -16.63 -14.31
C PHE B 173 6.29 -15.34 -14.54
N ARG B 174 6.71 -14.54 -15.52
CA ARG B 174 6.12 -13.23 -15.78
C ARG B 174 5.23 -13.20 -17.01
N ALA B 175 5.70 -13.78 -18.11
CA ALA B 175 5.02 -13.68 -19.39
C ALA B 175 5.51 -14.76 -20.34
N ALA B 176 4.65 -15.09 -21.29
CA ALA B 176 5.00 -16.03 -22.35
C ALA B 176 5.20 -15.29 -23.68
N VAL B 177 6.27 -15.64 -24.37
CA VAL B 177 6.55 -15.10 -25.71
C VAL B 177 5.79 -15.96 -26.71
N SER B 178 4.81 -15.37 -27.36
CA SER B 178 3.80 -16.09 -28.12
C SER B 178 3.84 -15.60 -29.56
N THR B 179 3.33 -16.45 -30.46
CA THR B 179 3.12 -16.12 -31.86
C THR B 179 1.93 -16.94 -32.34
N ARG B 180 0.81 -16.28 -32.61
CA ARG B 180 -0.40 -16.94 -33.11
C ARG B 180 -0.89 -18.00 -32.13
N GLY B 181 -1.01 -17.60 -30.87
CA GLY B 181 -1.61 -18.44 -29.86
C GLY B 181 -0.73 -19.54 -29.31
N VAL B 182 0.54 -19.60 -29.69
CA VAL B 182 1.43 -20.66 -29.21
C VAL B 182 2.63 -20.03 -28.53
N ALA B 183 2.91 -20.47 -27.31
CA ALA B 183 4.06 -20.02 -26.55
C ALA B 183 5.27 -20.81 -27.00
N LYS B 184 6.36 -20.11 -27.34
CA LYS B 184 7.63 -20.75 -27.65
C LYS B 184 8.69 -20.52 -26.59
N ALA B 185 8.51 -19.53 -25.74
CA ALA B 185 9.46 -19.22 -24.69
C ALA B 185 8.71 -18.54 -23.56
N VAL B 186 9.36 -18.48 -22.40
CA VAL B 186 8.83 -17.80 -21.23
C VAL B 186 9.80 -16.70 -20.82
N ALA B 187 9.25 -15.61 -20.29
CA ALA B 187 9.98 -14.53 -19.64
C ALA B 187 9.77 -14.68 -18.14
N PHE B 188 10.84 -14.61 -17.36
CA PHE B 188 10.76 -14.77 -15.91
C PHE B 188 11.62 -13.70 -15.25
N ILE B 189 11.23 -13.30 -14.06
CA ILE B 189 12.01 -12.38 -13.24
C ILE B 189 13.08 -13.17 -12.49
N PRO B 190 14.36 -12.87 -12.71
CA PRO B 190 15.41 -13.67 -12.08
C PRO B 190 15.43 -13.49 -10.58
N VAL B 191 15.80 -14.56 -9.88
CA VAL B 191 15.95 -14.43 -8.43
C VAL B 191 16.92 -13.31 -8.06
N GLU B 192 17.97 -13.06 -8.87
CA GLU B 192 18.89 -11.94 -8.61
C GLU B 192 18.14 -10.60 -8.58
N SER B 193 17.16 -10.41 -9.46
CA SER B 193 16.41 -9.17 -9.45
C SER B 193 15.50 -9.07 -8.21
N LEU B 194 15.03 -10.22 -7.70
CA LEU B 194 14.24 -10.19 -6.46
C LEU B 194 15.11 -9.74 -5.29
N GLU B 195 16.34 -10.24 -5.26
CA GLU B 195 17.33 -9.86 -4.24
C GLU B 195 17.60 -8.36 -4.26
N THR B 196 17.79 -7.79 -5.46
CA THR B 196 17.99 -6.35 -5.60
C THR B 196 16.80 -5.57 -5.06
N THR B 197 15.59 -5.95 -5.48
CA THR B 197 14.39 -5.33 -4.94
C THR B 197 14.37 -5.38 -3.42
N MET B 198 14.78 -6.50 -2.83
CA MET B 198 14.76 -6.65 -1.38
C MET B 198 15.67 -5.64 -0.72
N ARG B 199 16.83 -5.39 -1.31
CA ARG B 199 17.83 -4.49 -0.74
C ARG B 199 17.38 -3.04 -0.84
#